data_4Q24
#
_entry.id   4Q24
#
_cell.length_a   86.968
_cell.length_b   86.968
_cell.length_c   70.738
_cell.angle_alpha   90.00
_cell.angle_beta   90.00
_cell.angle_gamma   120.00
#
_symmetry.space_group_name_H-M   'P 32 2 1'
#
loop_
_entity.id
_entity.type
_entity.pdbx_description
1 polymer 'Cyclo(L-leucyl-L-phenylalanyl) synthase'
2 non-polymer 'PHENYLMETHYL N-[(2S)-4-CHLORO-3-OXO-1-PHENYL-BUTAN-2-YL]CARBAMATE'
3 water water
#
_entity_poly.entity_id   1
_entity_poly.type   'polypeptide(L)'
_entity_poly.pdbx_seq_one_letter_code
;MLAGLVPAPDHGMREEILGDRSRLIRQRGEHALIGICAGNSYFSQKNTVMLLQWAGQRFERTDVVYVDTHIDEMLIADGR
SAQEAERSVKRTLKDLRRRLRRSLESVGDHAERFRVRSLSELQETPEYRAVRERTDRAFEEDAEFATACEDMVRAVVMNR
PGDGVGISAEHLRAGLNYVLAEAPLFADSPGVFSVPSSVLCYHIDTPITAFLSRRETGFRAAEGQAYVVVRPQELADAAR
SHHHHHH
;
_entity_poly.pdbx_strand_id   A
#
# COMPACT_ATOMS: atom_id res chain seq x y z
N ASP A 10 -22.00 11.89 10.05
CA ASP A 10 -21.64 10.70 9.31
C ASP A 10 -22.47 10.53 8.03
N HIS A 11 -21.82 10.85 6.91
CA HIS A 11 -22.30 10.69 5.55
C HIS A 11 -21.11 10.26 4.71
N GLY A 12 -21.04 8.95 4.49
CA GLY A 12 -19.96 8.20 3.84
C GLY A 12 -19.33 8.65 2.55
N MET A 13 -18.48 7.76 2.02
CA MET A 13 -17.71 7.95 0.79
C MET A 13 -18.03 6.92 -0.32
N ARG A 14 -17.57 7.22 -1.57
CA ARG A 14 -17.81 6.44 -2.78
C ARG A 14 -16.87 5.24 -3.00
N GLU A 15 -17.38 4.22 -3.70
CA GLU A 15 -16.66 2.98 -4.02
C GLU A 15 -16.78 2.63 -5.51
N GLU A 16 -15.64 2.42 -6.18
CA GLU A 16 -15.56 2.01 -7.58
C GLU A 16 -14.74 0.72 -7.62
N ILE A 17 -15.18 -0.27 -8.43
CA ILE A 17 -14.48 -1.57 -8.55
C ILE A 17 -13.56 -1.55 -9.77
N LEU A 18 -12.25 -1.80 -9.55
CA LEU A 18 -11.25 -1.78 -10.61
C LEU A 18 -11.25 -3.04 -11.51
N GLY A 19 -11.92 -2.96 -12.65
CA GLY A 19 -12.02 -4.05 -13.60
C GLY A 19 -12.96 -5.15 -13.17
N ASP A 20 -13.57 -5.83 -14.17
CA ASP A 20 -14.52 -6.94 -14.00
C ASP A 20 -14.04 -7.96 -12.98
N ARG A 21 -12.80 -8.47 -13.18
CA ARG A 21 -12.11 -9.48 -12.37
C ARG A 21 -12.35 -9.39 -10.86
N SER A 22 -12.33 -8.15 -10.32
CA SER A 22 -12.51 -7.84 -8.89
C SER A 22 -13.97 -7.86 -8.39
N ARG A 23 -14.97 -7.66 -9.29
CA ARG A 23 -16.42 -7.60 -8.99
C ARG A 23 -17.05 -8.69 -8.10
N LEU A 24 -16.74 -9.98 -8.34
CA LEU A 24 -17.30 -11.07 -7.54
C LEU A 24 -16.63 -11.24 -6.18
N ILE A 25 -15.28 -11.04 -6.14
CA ILE A 25 -14.44 -11.11 -4.92
C ILE A 25 -14.88 -10.00 -3.94
N ARG A 26 -15.22 -8.81 -4.47
CA ARG A 26 -15.63 -7.66 -3.67
C ARG A 26 -16.95 -7.90 -2.94
N GLN A 27 -18.02 -8.20 -3.69
CA GLN A 27 -19.38 -8.43 -3.18
C GLN A 27 -19.45 -9.26 -1.88
N ARG A 28 -18.61 -10.31 -1.74
CA ARG A 28 -18.57 -11.16 -0.54
C ARG A 28 -18.02 -10.46 0.70
N GLY A 29 -17.13 -9.48 0.51
CA GLY A 29 -16.52 -8.66 1.57
C GLY A 29 -15.82 -9.46 2.64
N GLU A 30 -14.88 -10.32 2.22
CA GLU A 30 -14.11 -11.20 3.10
C GLU A 30 -13.01 -10.42 3.83
N HIS A 31 -12.05 -9.86 3.07
CA HIS A 31 -10.88 -9.15 3.61
C HIS A 31 -10.57 -7.88 2.84
N ALA A 32 -10.13 -6.86 3.58
CA ALA A 32 -9.72 -5.57 3.02
C ALA A 32 -8.31 -5.25 3.46
N LEU A 33 -7.51 -4.72 2.53
CA LEU A 33 -6.16 -4.26 2.82
C LEU A 33 -6.15 -2.75 2.70
N ILE A 34 -5.75 -2.10 3.80
CA ILE A 34 -5.61 -0.65 3.88
C ILE A 34 -4.12 -0.29 3.94
N GLY A 35 -3.64 0.37 2.90
CA GLY A 35 -2.26 0.81 2.82
C GLY A 35 -2.12 2.29 3.10
N ILE A 36 -1.40 2.64 4.19
CA ILE A 36 -1.21 4.04 4.58
C ILE A 36 0.22 4.54 4.29
N CYS A 37 0.30 5.81 3.95
CA CYS A 37 1.51 6.45 3.53
C CYS A 37 1.84 7.72 4.30
N ALA A 38 3.13 7.84 4.66
CA ALA A 38 3.71 9.00 5.31
C ALA A 38 3.88 10.08 4.22
N GLY A 39 3.57 11.32 4.56
CA GLY A 39 3.69 12.42 3.60
C GLY A 39 2.61 12.58 2.56
N ASN A 40 1.49 11.85 2.68
CA ASN A 40 0.37 11.95 1.75
C ASN A 40 -0.74 12.75 2.45
N SER A 41 -1.18 13.86 1.82
CA SER A 41 -2.23 14.74 2.37
C SER A 41 -3.56 14.02 2.56
N TYR A 42 -3.88 13.04 1.71
CA TYR A 42 -5.13 12.31 1.77
C TYR A 42 -5.37 11.65 3.12
N PHE A 43 -4.31 11.09 3.73
CA PHE A 43 -4.44 10.42 5.04
C PHE A 43 -4.60 11.37 6.26
N SER A 44 -5.36 12.46 6.06
CA SER A 44 -5.74 13.41 7.09
C SER A 44 -6.77 12.66 7.98
N GLN A 45 -6.84 12.96 9.28
CA GLN A 45 -7.79 12.30 10.16
C GLN A 45 -9.18 12.09 9.52
N LYS A 46 -9.78 13.15 8.94
CA LYS A 46 -11.09 13.14 8.28
C LYS A 46 -11.29 11.95 7.36
N ASN A 47 -10.35 11.73 6.43
CA ASN A 47 -10.45 10.63 5.47
C ASN A 47 -10.08 9.25 6.01
N THR A 48 -9.04 9.18 6.86
CA THR A 48 -8.58 7.92 7.44
C THR A 48 -9.69 7.26 8.24
N VAL A 49 -10.37 8.05 9.10
CA VAL A 49 -11.49 7.62 9.95
C VAL A 49 -12.67 7.19 9.06
N MET A 50 -12.94 7.95 8.00
CA MET A 50 -14.00 7.68 7.03
C MET A 50 -13.74 6.30 6.37
N LEU A 51 -12.47 6.08 5.94
CA LEU A 51 -11.97 4.86 5.31
C LEU A 51 -12.00 3.67 6.26
N LEU A 52 -11.50 3.84 7.50
CA LEU A 52 -11.48 2.75 8.47
C LEU A 52 -12.86 2.21 8.81
N GLN A 53 -13.85 3.13 9.04
CA GLN A 53 -15.24 2.80 9.37
C GLN A 53 -15.94 2.07 8.23
N TRP A 54 -15.61 2.44 6.97
CA TRP A 54 -16.17 1.89 5.73
C TRP A 54 -15.79 0.41 5.59
N ALA A 55 -14.52 0.07 5.85
CA ALA A 55 -14.03 -1.29 5.77
C ALA A 55 -14.55 -2.19 6.92
N GLY A 56 -14.89 -1.58 8.06
CA GLY A 56 -15.43 -2.29 9.23
C GLY A 56 -16.88 -2.70 9.01
N GLN A 57 -17.62 -1.92 8.21
CA GLN A 57 -19.03 -2.13 7.86
C GLN A 57 -19.18 -3.02 6.61
N ARG A 58 -18.12 -3.11 5.77
CA ARG A 58 -18.12 -3.88 4.53
C ARG A 58 -17.33 -5.19 4.55
N PHE A 59 -16.20 -5.22 5.29
CA PHE A 59 -15.32 -6.38 5.37
C PHE A 59 -15.25 -7.00 6.77
N GLU A 60 -15.41 -8.34 6.82
CA GLU A 60 -15.39 -9.14 8.06
C GLU A 60 -13.97 -9.28 8.67
N ARG A 61 -12.94 -8.78 7.96
CA ARG A 61 -11.54 -8.78 8.37
C ARG A 61 -10.83 -7.71 7.58
N THR A 62 -10.10 -6.81 8.25
CA THR A 62 -9.40 -5.70 7.58
C THR A 62 -7.94 -5.51 8.06
N ASP A 63 -6.97 -5.76 7.16
CA ASP A 63 -5.55 -5.57 7.48
C ASP A 63 -5.13 -4.14 7.17
N VAL A 64 -4.50 -3.46 8.14
CA VAL A 64 -3.99 -2.09 8.00
C VAL A 64 -2.46 -2.13 8.05
N VAL A 65 -1.82 -1.66 6.97
CA VAL A 65 -0.36 -1.63 6.84
C VAL A 65 0.14 -0.19 6.61
N TYR A 66 1.01 0.30 7.53
CA TYR A 66 1.61 1.63 7.42
C TYR A 66 3.06 1.57 6.95
N VAL A 67 3.32 2.12 5.77
CA VAL A 67 4.64 2.09 5.16
C VAL A 67 5.66 2.91 5.95
N ASP A 68 6.68 2.21 6.53
CA ASP A 68 7.75 2.76 7.37
C ASP A 68 9.17 2.46 6.84
N THR A 69 9.24 1.82 5.66
CA THR A 69 10.46 1.36 5.00
C THR A 69 10.91 2.18 3.80
N HIS A 70 12.23 2.25 3.59
CA HIS A 70 12.90 2.86 2.44
C HIS A 70 12.77 4.39 2.29
N ILE A 71 12.16 5.07 3.29
CA ILE A 71 11.99 6.52 3.31
C ILE A 71 13.37 7.18 3.46
N ASP A 72 14.21 6.56 4.31
CA ASP A 72 15.58 6.96 4.59
C ASP A 72 16.39 7.18 3.30
N GLU A 73 16.29 6.21 2.38
CA GLU A 73 16.99 6.13 1.09
C GLU A 73 16.73 7.36 0.23
N MET A 74 15.45 7.75 0.09
CA MET A 74 14.99 8.88 -0.70
C MET A 74 15.50 10.20 -0.14
N LEU A 75 15.56 10.34 1.18
CA LEU A 75 16.07 11.55 1.79
C LEU A 75 17.55 11.71 1.50
N ILE A 76 18.33 10.59 1.53
CA ILE A 76 19.76 10.61 1.24
C ILE A 76 19.96 10.99 -0.22
N ALA A 77 19.04 10.49 -1.09
CA ALA A 77 19.01 10.77 -2.53
C ALA A 77 18.62 12.25 -2.77
N ASP A 78 17.72 12.80 -1.91
CA ASP A 78 17.25 14.19 -1.91
C ASP A 78 18.35 15.19 -1.46
N GLY A 79 19.50 14.67 -1.03
CA GLY A 79 20.66 15.45 -0.62
C GLY A 79 20.82 15.63 0.87
N ARG A 80 20.25 14.73 1.66
CA ARG A 80 20.34 14.81 3.12
C ARG A 80 21.31 13.77 3.67
N SER A 81 22.04 14.13 4.75
CA SER A 81 23.03 13.26 5.42
C SER A 81 22.40 11.96 5.93
N ALA A 82 23.22 10.91 6.14
CA ALA A 82 22.73 9.62 6.65
C ALA A 82 22.05 9.79 8.01
N GLN A 83 22.68 10.56 8.94
CA GLN A 83 22.18 10.87 10.29
C GLN A 83 21.03 11.86 10.24
N GLU A 84 21.04 12.78 9.24
CA GLU A 84 19.99 13.75 8.99
C GLU A 84 18.74 12.97 8.58
N ALA A 85 18.90 11.96 7.71
CA ALA A 85 17.81 11.11 7.20
C ALA A 85 17.12 10.33 8.31
N GLU A 86 17.88 9.57 9.15
CA GLU A 86 17.31 8.77 10.25
C GLU A 86 16.51 9.59 11.25
N ARG A 87 17.02 10.79 11.59
CA ARG A 87 16.38 11.74 12.51
C ARG A 87 15.00 12.15 11.97
N SER A 88 14.93 12.49 10.67
CA SER A 88 13.71 12.87 9.99
C SER A 88 12.70 11.71 10.02
N VAL A 89 13.14 10.51 9.57
CA VAL A 89 12.30 9.31 9.51
C VAL A 89 11.65 9.01 10.89
N LYS A 90 12.45 9.06 11.99
CA LYS A 90 11.95 8.85 13.36
C LYS A 90 10.85 9.86 13.70
N ARG A 91 11.02 11.13 13.23
CA ARG A 91 10.06 12.23 13.44
C ARG A 91 8.80 11.98 12.61
N THR A 92 8.95 11.63 11.31
CA THR A 92 7.83 11.38 10.40
C THR A 92 6.96 10.19 10.82
N LEU A 93 7.62 9.18 11.39
CA LEU A 93 6.94 7.99 11.86
C LEU A 93 6.29 8.18 13.20
N LYS A 94 6.81 9.13 14.01
CA LYS A 94 6.23 9.44 15.33
C LYS A 94 4.85 10.06 15.14
N ASP A 95 4.74 10.97 14.14
CA ASP A 95 3.52 11.69 13.81
C ASP A 95 2.51 10.77 13.16
N LEU A 96 2.98 9.85 12.28
CA LEU A 96 2.12 8.87 11.61
C LEU A 96 1.50 7.92 12.64
N ARG A 97 2.30 7.46 13.60
CA ARG A 97 1.83 6.59 14.66
C ARG A 97 0.83 7.32 15.56
N ARG A 98 1.08 8.62 15.86
CA ARG A 98 0.19 9.46 16.66
C ARG A 98 -1.15 9.67 15.92
N ARG A 99 -1.11 10.00 14.60
CA ARG A 99 -2.28 10.18 13.74
C ARG A 99 -3.10 8.89 13.73
N LEU A 100 -2.44 7.74 13.49
CA LEU A 100 -3.05 6.40 13.42
C LEU A 100 -3.75 5.99 14.69
N ARG A 101 -3.15 6.32 15.84
CA ARG A 101 -3.70 6.03 17.17
C ARG A 101 -5.03 6.73 17.36
N ARG A 102 -5.13 8.04 16.96
CA ARG A 102 -6.35 8.86 17.01
C ARG A 102 -7.39 8.40 16.00
N SER A 103 -6.94 7.90 14.84
CA SER A 103 -7.80 7.39 13.76
C SER A 103 -8.55 6.13 14.19
N LEU A 104 -7.82 5.14 14.75
CA LEU A 104 -8.42 3.89 15.20
C LEU A 104 -9.23 4.09 16.45
N GLU A 105 -8.86 5.08 17.30
CA GLU A 105 -9.60 5.47 18.52
C GLU A 105 -11.00 5.96 18.16
N SER A 106 -11.12 6.69 17.03
CA SER A 106 -12.34 7.25 16.46
C SER A 106 -13.27 6.17 15.88
N VAL A 107 -12.73 4.96 15.65
CA VAL A 107 -13.52 3.85 15.14
C VAL A 107 -13.95 3.02 16.36
N GLY A 108 -13.01 2.78 17.28
CA GLY A 108 -13.22 2.08 18.54
C GLY A 108 -13.57 0.61 18.40
N ASP A 109 -14.83 0.27 18.78
CA ASP A 109 -15.48 -1.06 18.78
C ASP A 109 -15.00 -2.10 17.77
N HIS A 110 -14.69 -1.66 16.54
CA HIS A 110 -14.22 -2.55 15.46
C HIS A 110 -12.70 -2.80 15.44
N ALA A 111 -11.93 -2.31 16.44
CA ALA A 111 -10.47 -2.50 16.53
C ALA A 111 -10.03 -3.96 16.53
N GLU A 112 -10.90 -4.86 17.05
CA GLU A 112 -10.70 -6.30 17.07
C GLU A 112 -10.70 -6.86 15.65
N ARG A 113 -11.49 -6.21 14.75
CA ARG A 113 -11.63 -6.54 13.32
C ARG A 113 -10.48 -5.98 12.45
N PHE A 114 -9.52 -5.24 13.08
CA PHE A 114 -8.35 -4.68 12.39
C PHE A 114 -7.05 -5.33 12.87
N ARG A 115 -6.11 -5.50 11.94
CA ARG A 115 -4.80 -6.07 12.19
C ARG A 115 -3.80 -5.04 11.69
N VAL A 116 -3.49 -4.07 12.57
CA VAL A 116 -2.59 -2.96 12.23
C VAL A 116 -1.12 -3.26 12.49
N ARG A 117 -0.29 -3.13 11.45
CA ARG A 117 1.15 -3.40 11.52
C ARG A 117 1.85 -2.48 10.54
N SER A 118 3.16 -2.28 10.72
CA SER A 118 3.98 -1.50 9.79
C SER A 118 4.48 -2.46 8.74
N LEU A 119 4.98 -1.95 7.61
CA LEU A 119 5.52 -2.79 6.56
C LEU A 119 6.70 -3.63 7.07
N SER A 120 7.72 -3.01 7.72
CA SER A 120 8.91 -3.70 8.25
C SER A 120 8.58 -4.86 9.21
N GLU A 121 7.47 -4.73 9.94
CA GLU A 121 6.92 -5.71 10.90
C GLU A 121 6.35 -6.88 10.11
N LEU A 122 5.56 -6.56 9.06
CA LEU A 122 4.95 -7.51 8.14
C LEU A 122 6.03 -8.22 7.32
N GLN A 123 7.15 -7.51 7.01
CA GLN A 123 8.30 -8.03 6.25
C GLN A 123 8.91 -9.26 6.91
N GLU A 124 8.83 -9.32 8.26
CA GLU A 124 9.35 -10.39 9.10
C GLU A 124 8.65 -11.73 8.86
N THR A 125 7.34 -11.68 8.55
CA THR A 125 6.48 -12.85 8.33
C THR A 125 6.95 -13.79 7.22
N PRO A 126 6.95 -15.11 7.49
CA PRO A 126 7.40 -16.07 6.45
C PRO A 126 6.48 -16.10 5.22
N GLU A 127 5.19 -15.79 5.42
CA GLU A 127 4.19 -15.74 4.37
C GLU A 127 4.43 -14.51 3.45
N TYR A 128 5.00 -13.43 4.01
CA TYR A 128 5.35 -12.25 3.21
C TYR A 128 6.55 -12.65 2.34
N ARG A 129 7.61 -13.16 3.00
CA ARG A 129 8.87 -13.62 2.40
C ARG A 129 8.62 -14.62 1.25
N ALA A 130 7.60 -15.49 1.40
CA ALA A 130 7.19 -16.47 0.38
C ALA A 130 6.69 -15.77 -0.91
N VAL A 131 5.87 -14.70 -0.76
CA VAL A 131 5.35 -13.92 -1.90
C VAL A 131 6.47 -13.03 -2.45
N ARG A 132 7.22 -12.32 -1.58
CA ARG A 132 8.35 -11.48 -1.96
C ARG A 132 9.32 -12.22 -2.89
N GLU A 133 9.58 -13.52 -2.61
CA GLU A 133 10.42 -14.38 -3.42
C GLU A 133 9.89 -14.39 -4.86
N ARG A 134 8.56 -14.58 -4.98
CA ARG A 134 7.85 -14.61 -6.25
C ARG A 134 7.78 -13.27 -6.95
N THR A 135 7.49 -12.18 -6.21
CA THR A 135 7.41 -10.84 -6.80
C THR A 135 8.72 -10.34 -7.32
N ASP A 136 9.82 -10.50 -6.54
CA ASP A 136 11.17 -10.07 -6.95
C ASP A 136 11.63 -10.78 -8.24
N ARG A 137 11.27 -12.08 -8.37
CA ARG A 137 11.60 -12.92 -9.50
C ARG A 137 10.85 -12.40 -10.70
N ALA A 138 9.57 -12.09 -10.50
CA ALA A 138 8.63 -11.59 -11.51
C ALA A 138 9.07 -10.26 -12.09
N PHE A 139 9.65 -9.37 -11.25
CA PHE A 139 10.18 -8.08 -11.66
C PHE A 139 11.34 -8.28 -12.65
N GLU A 140 12.08 -9.38 -12.47
CA GLU A 140 13.24 -9.70 -13.28
C GLU A 140 12.88 -10.58 -14.45
N GLU A 141 11.85 -11.42 -14.33
CA GLU A 141 11.45 -12.34 -15.39
C GLU A 141 10.31 -11.84 -16.31
N ASP A 142 9.12 -11.51 -15.74
CA ASP A 142 7.94 -11.01 -16.48
C ASP A 142 8.16 -9.56 -16.88
N ALA A 143 8.38 -9.32 -18.16
CA ALA A 143 8.63 -8.00 -18.72
C ALA A 143 7.44 -7.06 -18.50
N GLU A 144 6.22 -7.62 -18.66
CA GLU A 144 4.96 -6.90 -18.54
C GLU A 144 4.80 -6.27 -17.17
N PHE A 145 5.08 -7.05 -16.11
CA PHE A 145 5.01 -6.64 -14.71
C PHE A 145 6.19 -5.74 -14.39
N ALA A 146 7.38 -6.07 -14.90
CA ALA A 146 8.58 -5.26 -14.68
C ALA A 146 8.30 -3.81 -15.08
N THR A 147 7.62 -3.65 -16.23
CA THR A 147 7.23 -2.38 -16.85
C THR A 147 6.25 -1.65 -15.98
N ALA A 148 5.21 -2.36 -15.49
CA ALA A 148 4.21 -1.80 -14.57
C ALA A 148 4.93 -1.23 -13.34
N CYS A 149 5.90 -1.99 -12.79
CA CYS A 149 6.69 -1.61 -11.62
C CYS A 149 7.49 -0.33 -11.88
N GLU A 150 8.06 -0.22 -13.08
CA GLU A 150 8.86 0.92 -13.52
C GLU A 150 8.02 2.19 -13.55
N ASP A 151 6.76 2.11 -14.00
CA ASP A 151 5.87 3.28 -13.99
C ASP A 151 5.55 3.66 -12.55
N MET A 152 5.36 2.66 -11.67
CA MET A 152 5.10 2.84 -10.24
C MET A 152 6.30 3.49 -9.53
N VAL A 153 7.53 3.14 -9.95
CA VAL A 153 8.77 3.73 -9.45
C VAL A 153 8.78 5.24 -9.78
N ARG A 154 8.57 5.60 -11.08
CA ARG A 154 8.52 6.97 -11.62
C ARG A 154 7.50 7.79 -10.85
N ALA A 155 6.30 7.21 -10.63
CA ALA A 155 5.17 7.79 -9.92
C ALA A 155 5.53 8.05 -8.46
N VAL A 156 6.32 7.13 -7.85
CA VAL A 156 6.77 7.28 -6.48
C VAL A 156 7.74 8.46 -6.37
N VAL A 157 8.76 8.49 -7.24
CA VAL A 157 9.77 9.53 -7.27
C VAL A 157 9.14 10.90 -7.53
N MET A 158 8.30 11.00 -8.58
CA MET A 158 7.65 12.25 -9.01
C MET A 158 6.69 12.86 -8.02
N ASN A 159 6.19 12.05 -7.08
CA ASN A 159 5.25 12.47 -6.06
C ASN A 159 5.81 12.35 -4.64
N ARG A 160 7.13 12.06 -4.50
CA ARG A 160 7.83 11.94 -3.20
C ARG A 160 7.60 13.17 -2.29
N PRO A 161 7.58 13.04 -0.94
CA PRO A 161 7.41 14.24 -0.11
C PRO A 161 8.68 15.09 -0.07
N GLY A 162 8.53 16.34 0.32
CA GLY A 162 9.66 17.25 0.46
C GLY A 162 9.86 18.26 -0.65
N ASP A 163 10.78 19.20 -0.37
CA ASP A 163 11.19 20.33 -1.19
C ASP A 163 12.24 19.97 -2.26
N GLY A 164 12.53 18.68 -2.38
CA GLY A 164 13.44 18.16 -3.38
C GLY A 164 12.86 18.35 -4.77
N VAL A 165 13.72 18.68 -5.73
CA VAL A 165 13.30 18.97 -7.09
C VAL A 165 14.01 18.12 -8.16
N GLY A 166 15.27 17.81 -7.92
CA GLY A 166 16.09 17.02 -8.83
C GLY A 166 15.74 15.54 -8.83
N ILE A 167 16.11 14.84 -9.92
CA ILE A 167 15.93 13.41 -10.11
C ILE A 167 17.25 12.79 -10.60
N SER A 168 17.79 11.81 -9.85
CA SER A 168 19.05 11.09 -10.13
C SER A 168 18.83 9.56 -10.13
N ALA A 169 19.87 8.76 -10.52
CA ALA A 169 19.79 7.30 -10.53
C ALA A 169 19.54 6.72 -9.12
N GLU A 170 20.09 7.41 -8.09
CA GLU A 170 20.00 7.10 -6.67
C GLU A 170 18.53 7.15 -6.19
N HIS A 171 17.78 8.19 -6.64
CA HIS A 171 16.35 8.41 -6.37
C HIS A 171 15.59 7.19 -6.90
N LEU A 172 15.92 6.75 -8.13
CA LEU A 172 15.29 5.60 -8.79
C LEU A 172 15.43 4.30 -8.03
N ARG A 173 16.63 4.05 -7.47
CA ARG A 173 16.88 2.85 -6.68
C ARG A 173 15.95 2.89 -5.47
N ALA A 174 15.93 4.02 -4.74
CA ALA A 174 15.07 4.24 -3.58
C ALA A 174 13.59 3.99 -3.94
N GLY A 175 13.22 4.40 -5.16
CA GLY A 175 11.90 4.24 -5.74
C GLY A 175 11.56 2.78 -5.93
N LEU A 176 12.49 2.03 -6.61
CA LEU A 176 12.41 0.59 -6.91
C LEU A 176 12.39 -0.25 -5.64
N ASN A 177 13.25 0.07 -4.65
CA ASN A 177 13.30 -0.61 -3.37
C ASN A 177 11.93 -0.55 -2.68
N TYR A 178 11.39 0.67 -2.51
CA TYR A 178 10.08 0.98 -1.94
C TYR A 178 8.96 0.16 -2.63
N VAL A 179 8.92 0.22 -3.97
CA VAL A 179 7.93 -0.45 -4.82
C VAL A 179 8.03 -1.97 -4.67
N LEU A 180 9.26 -2.51 -4.57
CA LEU A 180 9.47 -3.96 -4.40
C LEU A 180 9.03 -4.49 -3.05
N ALA A 181 9.18 -3.66 -1.98
CA ALA A 181 8.73 -4.02 -0.63
C ALA A 181 7.20 -4.15 -0.59
N GLU A 182 6.47 -3.31 -1.39
CA GLU A 182 5.00 -3.27 -1.51
C GLU A 182 4.39 -4.35 -2.42
N ALA A 183 5.05 -4.68 -3.56
CA ALA A 183 4.55 -5.64 -4.57
C ALA A 183 3.88 -6.93 -4.01
N PRO A 184 4.39 -7.64 -2.95
CA PRO A 184 3.65 -8.79 -2.42
C PRO A 184 2.18 -8.48 -2.05
N LEU A 185 1.95 -7.32 -1.41
CA LEU A 185 0.64 -6.83 -1.00
C LEU A 185 -0.24 -6.52 -2.21
N PHE A 186 0.37 -6.04 -3.31
CA PHE A 186 -0.33 -5.72 -4.57
C PHE A 186 -0.69 -6.97 -5.33
N ALA A 187 0.24 -7.93 -5.44
CA ALA A 187 0.09 -9.16 -6.21
C ALA A 187 -0.67 -10.33 -5.53
N ASP A 188 -0.25 -10.71 -4.31
CA ASP A 188 -0.82 -11.86 -3.62
C ASP A 188 -1.17 -11.54 -2.17
N SER A 189 -2.01 -10.50 -1.95
CA SER A 189 -2.48 -10.19 -0.60
C SER A 189 -3.14 -11.41 0.08
N PRO A 190 -3.95 -12.29 -0.62
CA PRO A 190 -4.47 -13.50 0.06
C PRO A 190 -3.37 -14.37 0.68
N GLY A 191 -2.21 -14.44 0.02
CA GLY A 191 -1.07 -15.22 0.47
C GLY A 191 -0.22 -14.56 1.53
N VAL A 192 -0.15 -13.21 1.52
CA VAL A 192 0.62 -12.39 2.48
C VAL A 192 -0.04 -12.42 3.87
N PHE A 193 -1.38 -12.34 3.89
CA PHE A 193 -2.17 -12.30 5.11
C PHE A 193 -2.83 -13.62 5.50
N SER A 194 -2.67 -14.67 4.64
CA SER A 194 -3.26 -16.02 4.81
C SER A 194 -4.80 -15.96 4.92
N VAL A 195 -5.44 -15.38 3.88
CA VAL A 195 -6.90 -15.22 3.73
C VAL A 195 -7.34 -15.88 2.42
N PRO A 196 -8.61 -16.31 2.23
CA PRO A 196 -9.00 -16.92 0.94
C PRO A 196 -9.06 -15.90 -0.20
N SER A 197 -9.39 -14.63 0.11
CA SER A 197 -9.47 -13.53 -0.85
C SER A 197 -9.23 -12.18 -0.16
N SER A 198 -8.72 -11.17 -0.90
CA SER A 198 -8.44 -9.84 -0.36
C SER A 198 -8.74 -8.74 -1.36
N VAL A 199 -9.17 -7.58 -0.82
CA VAL A 199 -9.46 -6.41 -1.65
C VAL A 199 -8.51 -5.26 -1.28
N LEU A 200 -7.63 -4.88 -2.20
CA LEU A 200 -6.71 -3.76 -2.04
C LEU A 200 -7.51 -2.47 -2.24
N CYS A 201 -7.63 -1.70 -1.18
CA CYS A 201 -8.40 -0.47 -1.16
C CYS A 201 -7.45 0.71 -1.11
N TYR A 202 -7.64 1.68 -2.04
CA TYR A 202 -6.86 2.91 -2.17
C TYR A 202 -7.69 3.96 -2.88
N HIS A 203 -7.45 5.25 -2.64
CA HIS A 203 -8.21 6.38 -3.21
C HIS A 203 -7.95 6.69 -4.69
N ILE A 204 -6.93 6.08 -5.28
CA ILE A 204 -6.63 6.29 -6.71
C ILE A 204 -6.14 5.04 -7.38
N ASP A 205 -6.28 5.02 -8.69
CA ASP A 205 -5.72 4.03 -9.56
C ASP A 205 -4.18 4.25 -9.47
N THR A 206 -3.38 3.19 -9.60
CA THR A 206 -1.91 3.32 -9.62
C THR A 206 -1.36 2.45 -10.77
N PRO A 207 -0.15 2.71 -11.35
CA PRO A 207 0.35 1.84 -12.43
C PRO A 207 0.27 0.34 -12.11
N ILE A 208 0.71 -0.09 -10.91
CA ILE A 208 0.65 -1.49 -10.52
C ILE A 208 -0.78 -2.00 -10.53
N THR A 209 -1.70 -1.35 -9.77
CA THR A 209 -3.12 -1.76 -9.71
C THR A 209 -3.80 -1.83 -11.06
N ALA A 210 -3.57 -0.82 -11.92
CA ALA A 210 -4.13 -0.77 -13.26
C ALA A 210 -3.70 -1.96 -14.08
N PHE A 211 -2.46 -2.41 -13.87
CA PHE A 211 -1.91 -3.57 -14.58
C PHE A 211 -2.47 -4.87 -14.02
N LEU A 212 -2.43 -5.02 -12.69
CA LEU A 212 -2.90 -6.21 -11.99
C LEU A 212 -4.42 -6.42 -11.99
N SER A 213 -5.21 -5.32 -12.06
CA SER A 213 -6.68 -5.42 -12.11
C SER A 213 -7.14 -6.01 -13.44
N ARG A 214 -6.43 -5.68 -14.53
CA ARG A 214 -6.72 -6.06 -15.92
C ARG A 214 -5.96 -7.27 -16.50
N ARG A 215 -4.74 -7.60 -16.00
CA ARG A 215 -3.90 -8.72 -16.48
C ARG A 215 -4.57 -10.08 -16.46
N GLU A 216 -4.41 -10.86 -17.54
CA GLU A 216 -5.00 -12.20 -17.72
C GLU A 216 -3.99 -13.33 -17.98
N THR A 217 -2.83 -13.00 -18.56
CA THR A 217 -1.77 -13.97 -18.90
C THR A 217 -0.45 -13.55 -18.26
N GLY A 218 0.49 -14.49 -18.13
CA GLY A 218 1.78 -14.25 -17.48
C GLY A 218 1.66 -14.03 -15.97
N PHE A 219 2.59 -13.24 -15.40
CA PHE A 219 2.53 -12.92 -13.98
C PHE A 219 1.38 -11.93 -13.79
N ARG A 220 0.50 -12.25 -12.84
CA ARG A 220 -0.72 -11.47 -12.57
C ARG A 220 -1.10 -11.47 -11.08
N ALA A 221 -2.33 -11.03 -10.76
CA ALA A 221 -2.82 -11.03 -9.38
C ALA A 221 -3.23 -12.46 -9.02
N ALA A 222 -2.98 -12.85 -7.77
CA ALA A 222 -3.36 -14.16 -7.25
C ALA A 222 -4.89 -14.29 -7.22
N GLU A 223 -5.44 -15.51 -7.44
CA GLU A 223 -6.90 -15.68 -7.40
C GLU A 223 -7.35 -15.34 -5.99
N GLY A 224 -8.15 -14.30 -5.88
CA GLY A 224 -8.59 -13.77 -4.60
C GLY A 224 -8.21 -12.32 -4.47
N GLN A 225 -7.23 -11.86 -5.28
CA GLN A 225 -6.82 -10.46 -5.26
C GLN A 225 -7.77 -9.60 -6.05
N ALA A 226 -8.34 -8.60 -5.37
CA ALA A 226 -9.27 -7.64 -5.95
C ALA A 226 -8.81 -6.22 -5.64
N TYR A 227 -9.28 -5.25 -6.45
CA TYR A 227 -8.91 -3.85 -6.34
C TYR A 227 -10.12 -2.96 -6.41
N VAL A 228 -10.20 -2.04 -5.43
CA VAL A 228 -11.29 -1.08 -5.31
C VAL A 228 -10.75 0.32 -5.05
N VAL A 229 -11.34 1.33 -5.71
CA VAL A 229 -10.98 2.73 -5.49
C VAL A 229 -12.06 3.40 -4.63
N VAL A 230 -11.66 3.83 -3.41
CA VAL A 230 -12.52 4.47 -2.40
C VAL A 230 -12.04 5.85 -2.00
N ARG A 231 -12.90 6.85 -2.22
CA ARG A 231 -12.60 8.26 -1.96
C ARG A 231 -13.84 9.00 -1.44
N PRO A 232 -13.70 10.16 -0.72
CA PRO A 232 -14.91 10.87 -0.23
C PRO A 232 -15.82 11.41 -1.32
N GLN A 233 -17.13 11.55 -0.99
CA GLN A 233 -18.16 12.05 -1.91
C GLN A 233 -18.20 13.58 -1.93
#